data_8HQR
#
_entry.id   8HQR
#
_cell.length_a   57.128
_cell.length_b   84.689
_cell.length_c   106.097
_cell.angle_alpha   90.00
_cell.angle_beta   90.00
_cell.angle_gamma   90.00
#
_symmetry.space_group_name_H-M   'P 21 21 21'
#
loop_
_entity.id
_entity.type
_entity.pdbx_description
1 polymer 'ABC transporter'
2 non-polymer ARGININE
3 water water
#
_entity_poly.entity_id   1
_entity_poly.type   'polypeptide(L)'
_entity_poly.pdbx_seq_one_letter_code
;MGSSHHHHHHSSGLVPRGSHMDKIKIGTEGAYPPWNSKDASGALIGFEVELAEELCKIMGRECTIVEQDWDGMIPALLMR
KFDAIMAGMSITAERQKTITFSQGYADEVAALAVMKGSSLESMDTPEGINLTLGGSAVKKTLKTLTAALAGKTVCTQTGT
IHQNFLESGDVGKVNVRTYKTQDEVNLDLTSGRCDVALAAAVAFTDYADKSGKPVVLVGPTFSGGAFGNGVGVGIRQGGD
DAIGTRDAKLLKDFNKAINTARKQGIISKLAIKHFGFDASM
;
_entity_poly.pdbx_strand_id   A,B
#
# COMPACT_ATOMS: atom_id res chain seq x y z
N VAL A 15 28.96 22.13 3.33
CA VAL A 15 28.05 21.81 4.49
C VAL A 15 28.04 20.30 4.69
N PRO A 16 28.54 19.78 5.84
CA PRO A 16 28.59 18.33 6.06
C PRO A 16 27.22 17.66 6.23
N ARG A 17 27.14 16.40 5.77
CA ARG A 17 25.92 15.60 5.79
C ARG A 17 25.45 15.49 7.25
N GLY A 18 24.17 15.75 7.43
CA GLY A 18 23.55 15.74 8.76
C GLY A 18 23.39 17.15 9.30
N SER A 19 24.16 18.12 8.77
CA SER A 19 24.12 19.52 9.17
C SER A 19 22.73 20.11 8.97
N HIS A 20 22.45 21.17 9.74
CA HIS A 20 21.25 22.00 9.65
C HIS A 20 20.84 22.23 8.19
N MET A 21 21.79 22.58 7.32
CA MET A 21 21.50 23.08 5.98
C MET A 21 22.11 22.19 4.88
N ASP A 22 22.12 20.86 5.09
CA ASP A 22 22.80 19.92 4.20
C ASP A 22 22.05 19.71 2.87
N LYS A 23 22.69 18.90 2.02
CA LYS A 23 22.19 18.55 0.69
C LYS A 23 20.86 17.80 0.76
N ILE A 24 19.95 18.18 -0.14
CA ILE A 24 18.63 17.56 -0.25
C ILE A 24 18.61 16.61 -1.46
N LYS A 25 18.19 15.35 -1.24
CA LYS A 25 18.05 14.39 -2.32
C LYS A 25 16.59 14.33 -2.75
N ILE A 26 16.30 14.53 -4.02
CA ILE A 26 14.94 14.59 -4.51
C ILE A 26 14.71 13.40 -5.44
N GLY A 27 13.67 12.61 -5.18
CA GLY A 27 13.28 11.46 -5.98
C GLY A 27 12.30 11.87 -7.07
N THR A 28 12.55 11.40 -8.31
CA THR A 28 11.62 11.55 -9.41
C THR A 28 11.64 10.29 -10.26
N GLU A 29 10.59 10.11 -11.07
CA GLU A 29 10.45 8.89 -11.87
C GLU A 29 11.28 8.90 -13.15
N GLY A 30 11.18 9.98 -13.92
CA GLY A 30 11.81 10.08 -15.23
C GLY A 30 11.01 9.46 -16.36
N ALA A 31 9.70 9.20 -16.17
CA ALA A 31 8.87 8.61 -17.22
C ALA A 31 7.48 9.26 -17.26
N TYR A 32 7.46 10.57 -17.03
CA TYR A 32 6.18 11.28 -16.89
C TYR A 32 6.30 12.70 -17.43
N PRO A 33 6.58 12.84 -18.75
CA PRO A 33 6.67 14.17 -19.33
C PRO A 33 5.31 14.85 -19.29
N PRO A 34 5.26 16.21 -19.21
CA PRO A 34 6.44 17.08 -19.09
C PRO A 34 6.97 17.38 -17.67
N TRP A 35 6.47 16.64 -16.69
CA TRP A 35 6.87 16.80 -15.29
C TRP A 35 8.31 16.37 -15.06
N ASN A 36 8.61 15.16 -15.53
CA ASN A 36 9.88 14.53 -15.30
C ASN A 36 10.06 13.49 -16.42
N SER A 37 11.24 13.47 -17.03
CA SER A 37 11.52 12.60 -18.17
C SER A 37 13.04 12.45 -18.27
N LYS A 38 13.52 11.80 -19.34
CA LYS A 38 14.95 11.62 -19.55
C LYS A 38 15.32 12.12 -20.95
N ASP A 39 16.47 12.78 -21.07
CA ASP A 39 16.98 13.17 -22.40
C ASP A 39 17.70 11.96 -23.06
N ALA A 40 18.28 12.17 -24.26
CA ALA A 40 18.85 11.07 -25.03
C ALA A 40 20.06 10.47 -24.31
N SER A 41 20.73 11.31 -23.50
CA SER A 41 21.85 10.88 -22.69
C SER A 41 21.39 10.16 -21.42
N GLY A 42 20.08 10.20 -21.13
CA GLY A 42 19.51 9.52 -19.99
C GLY A 42 19.55 10.38 -18.73
N ALA A 43 19.85 11.68 -18.87
CA ALA A 43 19.82 12.58 -17.74
C ALA A 43 18.37 12.98 -17.44
N LEU A 44 18.06 13.21 -16.17
CA LEU A 44 16.70 13.55 -15.77
C LEU A 44 16.43 15.03 -16.07
N ILE A 45 15.28 15.29 -16.71
CA ILE A 45 14.87 16.61 -17.16
C ILE A 45 13.39 16.82 -16.81
N GLY A 46 12.94 18.06 -17.02
CA GLY A 46 11.54 18.42 -16.96
C GLY A 46 11.21 19.48 -15.92
N PHE A 47 9.92 19.81 -15.86
CA PHE A 47 9.42 20.89 -15.03
C PHE A 47 9.88 20.72 -13.57
N GLU A 48 9.74 19.51 -13.04
CA GLU A 48 10.04 19.29 -11.62
C GLU A 48 11.55 19.30 -11.34
N VAL A 49 12.37 18.91 -12.33
CA VAL A 49 13.82 18.96 -12.18
C VAL A 49 14.24 20.42 -12.08
N GLU A 50 13.77 21.25 -13.03
CA GLU A 50 14.11 22.67 -13.00
C GLU A 50 13.54 23.35 -11.76
N LEU A 51 12.30 23.00 -11.36
CA LEU A 51 11.72 23.62 -10.17
C LEU A 51 12.51 23.24 -8.93
N ALA A 52 12.87 21.94 -8.79
CA ALA A 52 13.64 21.50 -7.64
C ALA A 52 14.90 22.32 -7.50
N GLU A 53 15.63 22.50 -8.64
CA GLU A 53 16.88 23.25 -8.61
C GLU A 53 16.65 24.69 -8.15
N GLU A 54 15.60 25.35 -8.66
CA GLU A 54 15.30 26.72 -8.29
C GLU A 54 14.90 26.86 -6.81
N LEU A 55 14.12 25.91 -6.28
CA LEU A 55 13.71 25.96 -4.88
C LEU A 55 14.91 25.78 -3.95
N CYS A 56 15.78 24.83 -4.27
CA CYS A 56 16.97 24.59 -3.46
C CYS A 56 17.94 25.79 -3.51
N LYS A 57 18.03 26.49 -4.66
CA LYS A 57 18.84 27.70 -4.77
C LYS A 57 18.30 28.78 -3.82
N ILE A 58 16.97 28.92 -3.76
CA ILE A 58 16.33 29.89 -2.87
C ILE A 58 16.70 29.58 -1.41
N MET A 59 16.69 28.29 -1.06
CA MET A 59 16.97 27.86 0.30
C MET A 59 18.45 28.06 0.63
N GLY A 60 19.31 28.00 -0.38
CA GLY A 60 20.75 28.00 -0.16
C GLY A 60 21.25 26.63 0.27
N ARG A 61 20.60 25.59 -0.24
CA ARG A 61 21.00 24.21 0.00
C ARG A 61 21.29 23.53 -1.34
N GLU A 62 22.25 22.60 -1.32
CA GLU A 62 22.55 21.79 -2.49
C GLU A 62 21.44 20.76 -2.74
N CYS A 63 21.37 20.31 -3.98
CA CYS A 63 20.32 19.48 -4.55
C CYS A 63 20.95 18.35 -5.38
N THR A 64 20.48 17.11 -5.20
CA THR A 64 20.74 15.98 -6.08
C THR A 64 19.41 15.33 -6.46
N ILE A 65 19.20 15.05 -7.75
CA ILE A 65 18.00 14.39 -8.26
C ILE A 65 18.32 12.92 -8.51
N VAL A 66 17.49 12.02 -8.00
CA VAL A 66 17.70 10.60 -8.22
C VAL A 66 16.43 9.94 -8.76
N GLU A 67 16.65 8.91 -9.56
CA GLU A 67 15.57 8.20 -10.21
C GLU A 67 14.99 7.16 -9.28
N GLN A 68 13.66 7.03 -9.36
CA GLN A 68 12.93 6.04 -8.58
C GLN A 68 11.66 5.67 -9.33
N ASP A 69 11.38 4.36 -9.39
CA ASP A 69 10.18 3.83 -10.01
C ASP A 69 8.96 4.37 -9.26
N TRP A 70 7.90 4.66 -10.01
CA TRP A 70 6.67 5.18 -9.43
C TRP A 70 6.05 4.22 -8.40
N ASP A 71 5.93 2.92 -8.66
CA ASP A 71 5.19 2.05 -7.76
C ASP A 71 5.81 2.06 -6.34
N GLY A 72 7.13 2.16 -6.28
CA GLY A 72 7.88 2.09 -5.04
C GLY A 72 8.26 3.45 -4.44
N MET A 73 7.66 4.51 -4.94
CA MET A 73 8.07 5.88 -4.61
C MET A 73 7.85 6.21 -3.13
N ILE A 74 6.64 5.91 -2.57
CA ILE A 74 6.39 6.25 -1.18
C ILE A 74 7.21 5.35 -0.23
N PRO A 75 7.26 4.01 -0.40
CA PRO A 75 8.15 3.19 0.41
C PRO A 75 9.60 3.69 0.34
N ALA A 76 10.09 4.07 -0.86
CA ALA A 76 11.45 4.55 -1.00
C ALA A 76 11.73 5.82 -0.18
N LEU A 77 10.77 6.76 -0.17
CA LEU A 77 10.89 7.92 0.72
C LEU A 77 10.95 7.49 2.20
N LEU A 78 10.07 6.58 2.60
CA LEU A 78 10.03 6.10 4.00
C LEU A 78 11.35 5.40 4.38
N MET A 79 11.97 4.69 3.42
CA MET A 79 13.21 3.97 3.59
C MET A 79 14.45 4.89 3.53
N ARG A 80 14.24 6.18 3.25
CA ARG A 80 15.28 7.20 3.24
C ARG A 80 16.23 7.03 2.03
N LYS A 81 15.74 6.50 0.91
CA LYS A 81 16.50 6.51 -0.35
C LYS A 81 16.67 7.94 -0.87
N PHE A 82 15.79 8.87 -0.49
CA PHE A 82 15.87 10.29 -0.83
C PHE A 82 15.01 11.02 0.20
N ASP A 83 14.98 12.35 0.12
CA ASP A 83 14.36 13.20 1.13
C ASP A 83 13.03 13.80 0.71
N ALA A 84 12.75 13.86 -0.59
CA ALA A 84 11.58 14.54 -1.09
C ALA A 84 11.14 13.89 -2.42
N ILE A 85 9.83 13.79 -2.64
CA ILE A 85 9.23 13.31 -3.87
C ILE A 85 8.81 14.51 -4.68
N MET A 86 9.37 14.63 -5.92
CA MET A 86 8.82 15.55 -6.91
C MET A 86 8.60 14.78 -8.20
N ALA A 87 7.43 14.16 -8.34
CA ALA A 87 7.16 13.19 -9.39
C ALA A 87 5.70 13.23 -9.87
N GLY A 88 5.09 14.41 -9.89
CA GLY A 88 3.72 14.50 -10.32
C GLY A 88 2.72 13.97 -9.28
N MET A 89 3.13 13.88 -8.01
CA MET A 89 2.31 13.27 -6.97
C MET A 89 1.26 14.25 -6.44
N SER A 90 0.00 13.85 -6.65
CA SER A 90 -1.14 14.60 -6.13
C SER A 90 -1.26 14.48 -4.59
N ILE A 91 -1.59 15.62 -4.00
CA ILE A 91 -1.82 15.71 -2.55
C ILE A 91 -3.19 15.13 -2.18
N THR A 92 -3.16 13.99 -1.48
CA THR A 92 -4.40 13.34 -1.10
C THR A 92 -4.40 13.04 0.41
N ALA A 93 -5.62 13.04 1.00
CA ALA A 93 -5.75 12.71 2.41
C ALA A 93 -5.25 11.29 2.69
N GLU A 94 -5.44 10.36 1.71
CA GLU A 94 -4.97 8.99 1.90
C GLU A 94 -3.44 8.98 2.06
N ARG A 95 -2.72 9.70 1.18
CA ARG A 95 -1.27 9.70 1.25
C ARG A 95 -0.78 10.42 2.52
N GLN A 96 -1.54 11.44 2.95
CA GLN A 96 -1.23 12.14 4.20
C GLN A 96 -1.34 11.28 5.47
N LYS A 97 -1.90 10.07 5.39
CA LYS A 97 -1.87 9.13 6.49
C LYS A 97 -0.43 8.69 6.79
N THR A 98 0.43 8.63 5.73
CA THR A 98 1.75 8.05 5.92
C THR A 98 2.91 9.00 5.67
N ILE A 99 2.71 10.01 4.79
CA ILE A 99 3.71 11.03 4.53
C ILE A 99 3.05 12.39 4.71
N THR A 100 3.76 13.46 4.39
CA THR A 100 3.16 14.78 4.34
C THR A 100 3.54 15.46 3.02
N PHE A 101 2.94 16.62 2.74
CA PHE A 101 3.26 17.37 1.54
C PHE A 101 3.48 18.84 1.86
N SER A 102 4.35 19.49 1.08
CA SER A 102 4.31 20.93 0.92
C SER A 102 2.95 21.38 0.39
N GLN A 103 2.78 22.69 0.38
CA GLN A 103 1.74 23.30 -0.40
C GLN A 103 1.92 22.86 -1.88
N GLY A 104 0.79 22.83 -2.58
CA GLY A 104 0.85 22.52 -4.01
C GLY A 104 1.66 23.56 -4.79
N TYR A 105 2.36 23.07 -5.83
CA TYR A 105 3.07 23.94 -6.78
C TYR A 105 2.47 23.91 -8.19
N ALA A 106 1.60 22.95 -8.50
CA ALA A 106 0.98 22.85 -9.80
C ALA A 106 -0.29 22.02 -9.73
N ASP A 107 -1.22 22.27 -10.64
CA ASP A 107 -2.48 21.55 -10.77
CA ASP A 107 -2.48 21.53 -10.75
C ASP A 107 -2.33 20.47 -11.84
N GLU A 108 -3.08 19.39 -11.70
CA GLU A 108 -3.17 18.33 -12.67
C GLU A 108 -4.59 17.77 -12.75
N VAL A 109 -5.39 18.21 -13.72
CA VAL A 109 -6.72 17.62 -13.86
C VAL A 109 -6.60 16.30 -14.60
N ALA A 110 -7.51 15.41 -14.26
CA ALA A 110 -7.61 14.08 -14.83
C ALA A 110 -8.71 14.05 -15.89
N ALA A 111 -8.55 13.15 -16.87
CA ALA A 111 -9.56 12.99 -17.91
C ALA A 111 -9.61 11.54 -18.41
N LEU A 112 -10.80 11.14 -18.89
CA LEU A 112 -10.96 9.92 -19.67
C LEU A 112 -10.56 10.18 -21.13
N ALA A 113 -9.87 9.20 -21.73
CA ALA A 113 -9.48 9.28 -23.13
C ALA A 113 -9.90 8.01 -23.86
N VAL A 114 -10.25 8.17 -25.14
CA VAL A 114 -10.63 7.09 -26.03
C VAL A 114 -9.99 7.39 -27.40
N MET A 115 -10.07 6.42 -28.29
CA MET A 115 -9.69 6.65 -29.68
C MET A 115 -10.89 7.17 -30.47
N LYS A 116 -10.63 8.03 -31.47
CA LYS A 116 -11.61 8.46 -32.46
C LYS A 116 -12.32 7.22 -32.99
N GLY A 117 -13.66 7.22 -32.96
CA GLY A 117 -14.47 6.05 -33.30
C GLY A 117 -15.30 5.53 -32.12
N SER A 118 -14.87 5.86 -30.90
CA SER A 118 -15.52 5.39 -29.69
C SER A 118 -16.94 5.95 -29.52
N SER A 119 -17.80 5.13 -28.93
CA SER A 119 -19.16 5.52 -28.57
C SER A 119 -19.20 6.61 -27.49
N LEU A 120 -18.11 6.78 -26.70
CA LEU A 120 -18.09 7.81 -25.66
C LEU A 120 -17.94 9.21 -26.25
N GLU A 121 -17.72 9.33 -27.57
CA GLU A 121 -17.49 10.63 -28.19
C GLU A 121 -18.77 11.43 -28.41
N SER A 122 -19.89 10.91 -27.88
CA SER A 122 -21.22 11.49 -28.07
C SER A 122 -21.78 11.90 -26.71
N MET A 123 -20.88 12.04 -25.74
CA MET A 123 -21.31 12.43 -24.42
C MET A 123 -21.65 13.92 -24.41
N ASP A 124 -22.44 14.22 -23.40
CA ASP A 124 -22.87 15.54 -22.98
C ASP A 124 -22.79 15.54 -21.46
N THR A 125 -21.60 15.86 -20.95
CA THR A 125 -21.43 16.07 -19.53
C THR A 125 -21.01 17.52 -19.31
N PRO A 126 -20.96 18.01 -18.07
CA PRO A 126 -20.23 19.23 -17.79
C PRO A 126 -18.77 19.12 -18.25
N GLU A 127 -18.15 20.28 -18.45
CA GLU A 127 -16.74 20.36 -18.84
C GLU A 127 -15.84 19.82 -17.74
N GLY A 128 -16.23 20.04 -16.48
CA GLY A 128 -15.46 19.57 -15.35
C GLY A 128 -16.32 19.37 -14.10
N ILE A 129 -15.86 18.44 -13.26
CA ILE A 129 -16.49 18.19 -11.97
C ILE A 129 -15.42 18.16 -10.90
N ASN A 130 -15.83 18.59 -9.70
CA ASN A 130 -15.01 18.51 -8.50
C ASN A 130 -15.69 17.59 -7.49
N LEU A 131 -15.04 16.47 -7.18
CA LEU A 131 -15.64 15.42 -6.39
C LEU A 131 -15.70 15.78 -4.90
N THR A 132 -14.89 16.72 -4.42
CA THR A 132 -14.97 17.21 -3.06
C THR A 132 -16.14 18.18 -2.96
N LEU A 133 -16.30 19.12 -3.91
CA LEU A 133 -17.42 20.03 -3.86
C LEU A 133 -18.75 19.28 -4.01
N GLY A 134 -18.80 18.29 -4.90
CA GLY A 134 -19.86 17.31 -4.94
C GLY A 134 -21.23 17.89 -5.31
N GLY A 135 -22.28 17.38 -4.63
CA GLY A 135 -23.64 17.82 -4.90
C GLY A 135 -24.34 16.98 -5.96
N SER A 136 -25.63 17.29 -6.16
CA SER A 136 -26.51 16.41 -6.90
CA SER A 136 -26.53 16.44 -6.92
C SER A 136 -26.10 16.35 -8.38
N ALA A 137 -25.65 17.48 -8.94
CA ALA A 137 -25.27 17.51 -10.36
C ALA A 137 -24.03 16.65 -10.59
N VAL A 138 -23.09 16.67 -9.65
CA VAL A 138 -21.89 15.84 -9.76
C VAL A 138 -22.26 14.36 -9.66
N LYS A 139 -23.16 14.02 -8.71
CA LYS A 139 -23.61 12.64 -8.57
C LYS A 139 -24.31 12.15 -9.85
N LYS A 140 -25.11 13.02 -10.48
CA LYS A 140 -25.74 12.66 -11.75
C LYS A 140 -24.69 12.40 -12.85
N THR A 141 -23.63 13.22 -12.90
CA THR A 141 -22.60 13.01 -13.90
C THR A 141 -21.93 11.65 -13.67
N LEU A 142 -21.70 11.30 -12.40
CA LEU A 142 -21.12 9.99 -12.12
C LEU A 142 -22.05 8.85 -12.54
N LYS A 143 -23.38 9.04 -12.42
CA LYS A 143 -24.35 8.05 -12.89
C LYS A 143 -24.21 7.87 -14.41
N THR A 144 -24.12 8.98 -15.13
CA THR A 144 -23.91 8.92 -16.57
C THR A 144 -22.62 8.16 -16.94
N LEU A 145 -21.52 8.44 -16.22
CA LEU A 145 -20.25 7.80 -16.48
C LEU A 145 -20.31 6.31 -16.17
N THR A 146 -21.07 5.94 -15.12
CA THR A 146 -21.25 4.55 -14.75
C THR A 146 -21.83 3.78 -15.96
N ALA A 147 -22.87 4.34 -16.57
CA ALA A 147 -23.52 3.73 -17.74
C ALA A 147 -22.57 3.71 -18.94
N ALA A 148 -21.78 4.76 -19.14
CA ALA A 148 -20.86 4.81 -20.26
C ALA A 148 -19.76 3.76 -20.16
N LEU A 149 -19.31 3.43 -18.94
CA LEU A 149 -18.17 2.50 -18.80
C LEU A 149 -18.64 1.06 -18.74
N ALA A 150 -19.96 0.82 -18.59
CA ALA A 150 -20.46 -0.54 -18.48
C ALA A 150 -20.08 -1.34 -19.71
N GLY A 151 -19.50 -2.50 -19.46
CA GLY A 151 -19.08 -3.40 -20.52
C GLY A 151 -17.78 -3.00 -21.24
N LYS A 152 -17.06 -1.99 -20.72
CA LYS A 152 -15.83 -1.55 -21.33
C LYS A 152 -14.62 -1.81 -20.42
N THR A 153 -13.46 -1.95 -21.04
CA THR A 153 -12.20 -2.06 -20.32
C THR A 153 -11.60 -0.67 -20.18
N VAL A 154 -11.07 -0.38 -18.98
CA VAL A 154 -10.45 0.90 -18.70
C VAL A 154 -9.05 0.67 -18.15
N CYS A 155 -8.04 1.37 -18.72
CA CYS A 155 -6.67 1.21 -18.26
CA CYS A 155 -6.66 1.24 -18.30
C CYS A 155 -6.14 2.47 -17.57
N THR A 156 -5.24 2.25 -16.61
CA THR A 156 -4.61 3.31 -15.88
C THR A 156 -3.27 2.82 -15.29
N GLN A 157 -2.50 3.78 -14.79
CA GLN A 157 -1.21 3.49 -14.17
C GLN A 157 -1.46 2.98 -12.75
N THR A 158 -0.70 1.96 -12.38
CA THR A 158 -0.77 1.42 -11.02
CA THR A 158 -0.75 1.40 -11.03
C THR A 158 -0.38 2.46 -9.98
N GLY A 159 -1.04 2.39 -8.82
CA GLY A 159 -0.68 3.20 -7.67
C GLY A 159 -1.00 4.67 -7.85
N THR A 160 -2.00 4.96 -8.67
CA THR A 160 -2.39 6.34 -8.91
C THR A 160 -3.76 6.67 -8.33
N ILE A 161 -4.02 7.98 -8.24
CA ILE A 161 -5.35 8.48 -7.93
C ILE A 161 -6.39 7.90 -8.91
N HIS A 162 -5.98 7.69 -10.17
CA HIS A 162 -6.89 7.24 -11.21
C HIS A 162 -7.37 5.82 -10.91
N GLN A 163 -6.43 4.95 -10.56
CA GLN A 163 -6.78 3.61 -10.09
C GLN A 163 -7.74 3.66 -8.89
N ASN A 164 -7.40 4.51 -7.92
CA ASN A 164 -8.23 4.62 -6.74
C ASN A 164 -9.66 5.01 -7.09
N PHE A 165 -9.83 6.01 -7.94
CA PHE A 165 -11.16 6.42 -8.35
C PHE A 165 -11.92 5.27 -8.98
N LEU A 166 -11.30 4.61 -9.96
CA LEU A 166 -11.99 3.56 -10.71
C LEU A 166 -12.37 2.39 -9.80
N GLU A 167 -11.53 2.11 -8.79
CA GLU A 167 -11.79 0.98 -7.88
C GLU A 167 -12.75 1.34 -6.76
N SER A 168 -13.14 2.62 -6.65
CA SER A 168 -13.92 3.13 -5.52
C SER A 168 -15.37 2.68 -5.59
N GLY A 169 -15.91 2.37 -6.78
CA GLY A 169 -17.33 2.12 -6.99
C GLY A 169 -18.13 3.37 -7.40
N ASP A 170 -17.48 4.55 -7.38
CA ASP A 170 -18.14 5.79 -7.73
C ASP A 170 -18.61 5.80 -9.19
N VAL A 171 -17.98 4.99 -10.05
CA VAL A 171 -18.45 4.83 -11.42
C VAL A 171 -18.79 3.38 -11.69
N GLY A 172 -19.22 2.65 -10.67
CA GLY A 172 -19.62 1.27 -10.80
C GLY A 172 -18.46 0.29 -10.69
N LYS A 173 -18.74 -0.97 -11.07
CA LYS A 173 -17.80 -2.06 -10.99
C LYS A 173 -17.07 -2.06 -12.32
N VAL A 174 -15.86 -1.47 -12.36
CA VAL A 174 -15.15 -1.24 -13.61
C VAL A 174 -14.19 -2.39 -13.89
N ASN A 175 -14.12 -2.80 -15.17
CA ASN A 175 -13.07 -3.72 -15.60
C ASN A 175 -11.78 -2.93 -15.78
N VAL A 176 -10.91 -2.91 -14.73
CA VAL A 176 -9.69 -2.10 -14.72
C VAL A 176 -8.46 -2.93 -15.12
N ARG A 177 -7.65 -2.37 -16.00
CA ARG A 177 -6.32 -2.88 -16.35
C ARG A 177 -5.28 -1.86 -15.88
N THR A 178 -4.16 -2.31 -15.30
CA THR A 178 -3.13 -1.39 -14.85
C THR A 178 -1.77 -1.79 -15.41
N TYR A 179 -0.94 -0.75 -15.58
CA TYR A 179 0.46 -0.89 -15.98
C TYR A 179 1.36 -0.04 -15.08
N LYS A 180 2.65 -0.37 -15.03
CA LYS A 180 3.60 0.30 -14.16
C LYS A 180 3.88 1.73 -14.60
N THR A 181 3.84 1.99 -15.91
CA THR A 181 4.19 3.31 -16.43
C THR A 181 3.07 3.85 -17.32
N GLN A 182 3.00 5.18 -17.39
CA GLN A 182 2.00 5.84 -18.21
C GLN A 182 2.22 5.56 -19.71
N ASP A 183 3.46 5.32 -20.14
CA ASP A 183 3.73 5.00 -21.55
C ASP A 183 2.96 3.75 -21.98
N GLU A 184 2.91 2.76 -21.08
CA GLU A 184 2.14 1.55 -21.32
C GLU A 184 0.64 1.80 -21.45
N VAL A 185 0.09 2.65 -20.57
CA VAL A 185 -1.31 3.04 -20.63
C VAL A 185 -1.61 3.62 -22.04
N ASN A 186 -0.81 4.60 -22.45
CA ASN A 186 -0.98 5.27 -23.73
C ASN A 186 -1.00 4.23 -24.85
N LEU A 187 -0.08 3.26 -24.81
CA LEU A 187 0.00 2.27 -25.91
C LEU A 187 -1.16 1.27 -25.82
N ASP A 188 -1.64 0.93 -24.60
CA ASP A 188 -2.77 0.02 -24.50
C ASP A 188 -3.99 0.63 -25.19
N LEU A 189 -4.22 1.93 -24.96
CA LEU A 189 -5.34 2.64 -25.57
C LEU A 189 -5.18 2.66 -27.10
N THR A 190 -4.02 3.10 -27.62
CA THR A 190 -3.90 3.26 -29.07
C THR A 190 -3.83 1.91 -29.80
N SER A 191 -3.43 0.83 -29.12
CA SER A 191 -3.44 -0.50 -29.72
C SER A 191 -4.86 -1.02 -29.94
N GLY A 192 -5.83 -0.46 -29.21
CA GLY A 192 -7.20 -0.94 -29.30
C GLY A 192 -7.50 -2.04 -28.29
N ARG A 193 -6.50 -2.42 -27.49
CA ARG A 193 -6.63 -3.54 -26.56
C ARG A 193 -7.44 -3.13 -25.32
N CYS A 194 -7.49 -1.81 -25.08
CA CYS A 194 -8.40 -1.26 -24.07
CA CYS A 194 -8.33 -1.20 -24.09
C CYS A 194 -9.29 -0.19 -24.71
N ASP A 195 -10.50 -0.05 -24.15
CA ASP A 195 -11.56 0.81 -24.65
C ASP A 195 -11.40 2.26 -24.20
N VAL A 196 -10.97 2.45 -22.95
CA VAL A 196 -10.90 3.78 -22.34
C VAL A 196 -9.65 3.78 -21.46
N ALA A 197 -9.09 4.96 -21.23
CA ALA A 197 -8.01 5.15 -20.27
C ALA A 197 -8.32 6.35 -19.38
N LEU A 198 -7.76 6.31 -18.18
CA LEU A 198 -7.88 7.42 -17.25
C LEU A 198 -6.48 7.83 -16.78
N ALA A 199 -6.16 9.12 -16.90
CA ALA A 199 -4.87 9.66 -16.52
C ALA A 199 -4.98 11.18 -16.48
N ALA A 200 -3.87 11.85 -16.21
CA ALA A 200 -3.83 13.29 -16.37
C ALA A 200 -4.14 13.69 -17.83
N ALA A 201 -4.94 14.74 -18.00
CA ALA A 201 -5.15 15.35 -19.31
C ALA A 201 -3.83 15.72 -20.00
N VAL A 202 -2.85 16.29 -19.25
CA VAL A 202 -1.56 16.72 -19.81
C VAL A 202 -0.75 15.51 -20.31
N ALA A 203 -0.95 14.34 -19.71
CA ALA A 203 -0.27 13.11 -20.14
C ALA A 203 -0.80 12.69 -21.50
N PHE A 204 -2.13 12.73 -21.69
CA PHE A 204 -2.71 12.31 -22.96
C PHE A 204 -2.34 13.31 -24.05
N THR A 205 -2.36 14.63 -23.76
CA THR A 205 -2.00 15.61 -24.79
C THR A 205 -0.49 15.55 -25.13
N ASP A 206 0.41 15.40 -24.16
CA ASP A 206 1.83 15.20 -24.44
C ASP A 206 2.03 14.03 -25.43
N TYR A 207 1.28 12.93 -25.22
CA TYR A 207 1.40 11.72 -26.03
C TYR A 207 0.74 11.93 -27.39
N ALA A 208 -0.45 12.51 -27.42
CA ALA A 208 -1.11 12.86 -28.69
C ALA A 208 -0.19 13.72 -29.55
N ASP A 209 0.52 14.67 -28.92
CA ASP A 209 1.39 15.59 -29.62
C ASP A 209 2.59 14.86 -30.22
N LYS A 210 3.27 13.99 -29.44
CA LYS A 210 4.46 13.30 -29.90
C LYS A 210 4.14 12.22 -30.95
N SER A 211 3.04 11.46 -30.78
CA SER A 211 2.78 10.24 -31.54
C SER A 211 1.97 10.50 -32.80
N GLY A 212 1.18 11.58 -32.82
CA GLY A 212 0.23 11.86 -33.88
C GLY A 212 -1.01 10.95 -33.89
N LYS A 213 -1.21 10.16 -32.83
CA LYS A 213 -2.32 9.21 -32.80
C LYS A 213 -3.61 9.91 -32.37
N PRO A 214 -4.79 9.49 -32.89
CA PRO A 214 -6.05 10.21 -32.64
C PRO A 214 -6.71 9.93 -31.29
N VAL A 215 -6.06 10.38 -30.21
CA VAL A 215 -6.60 10.22 -28.88
C VAL A 215 -7.51 11.41 -28.59
N VAL A 216 -8.67 11.16 -27.97
CA VAL A 216 -9.62 12.22 -27.68
C VAL A 216 -10.10 12.13 -26.23
N LEU A 217 -10.18 13.28 -25.58
CA LEU A 217 -10.71 13.33 -24.22
C LEU A 217 -12.23 13.34 -24.27
N VAL A 218 -12.89 12.63 -23.33
CA VAL A 218 -14.34 12.55 -23.29
C VAL A 218 -14.80 12.70 -21.85
N GLY A 219 -16.02 13.21 -21.71
CA GLY A 219 -16.59 13.46 -20.42
C GLY A 219 -15.93 14.64 -19.72
N PRO A 220 -16.15 14.79 -18.41
CA PRO A 220 -15.68 15.93 -17.65
C PRO A 220 -14.24 15.69 -17.22
N THR A 221 -13.50 16.79 -17.02
CA THR A 221 -12.29 16.69 -16.24
C THR A 221 -12.65 16.42 -14.77
N PHE A 222 -11.69 15.80 -14.06
CA PHE A 222 -11.89 15.45 -12.65
C PHE A 222 -10.88 16.14 -11.78
N SER A 223 -11.39 16.65 -10.63
CA SER A 223 -10.61 17.32 -9.61
C SER A 223 -11.21 16.92 -8.26
N GLY A 224 -10.40 17.01 -7.20
CA GLY A 224 -10.91 16.76 -5.85
C GLY A 224 -11.19 15.28 -5.59
N GLY A 225 -11.78 14.99 -4.42
CA GLY A 225 -12.01 13.61 -4.06
C GLY A 225 -10.72 12.80 -4.10
N ALA A 226 -10.85 11.61 -4.70
CA ALA A 226 -9.70 10.71 -4.88
C ALA A 226 -8.58 11.32 -5.72
N PHE A 227 -8.89 12.38 -6.51
CA PHE A 227 -7.87 13.03 -7.32
C PHE A 227 -7.06 14.07 -6.56
N GLY A 228 -7.42 14.34 -5.29
CA GLY A 228 -6.68 15.25 -4.48
C GLY A 228 -6.76 16.70 -4.95
N ASN A 229 -5.81 17.52 -4.48
CA ASN A 229 -5.85 18.96 -4.67
C ASN A 229 -4.45 19.48 -5.01
N GLY A 230 -4.07 19.29 -6.27
CA GLY A 230 -2.79 19.78 -6.73
C GLY A 230 -1.68 18.78 -6.46
N VAL A 231 -0.50 19.12 -7.02
CA VAL A 231 0.71 18.34 -6.91
C VAL A 231 1.66 19.08 -5.97
N GLY A 232 2.21 18.32 -5.01
CA GLY A 232 3.11 18.90 -4.03
C GLY A 232 4.38 18.07 -3.82
N VAL A 233 5.29 18.62 -3.01
CA VAL A 233 6.51 17.91 -2.62
C VAL A 233 6.13 16.93 -1.52
N GLY A 234 6.39 15.63 -1.72
CA GLY A 234 6.14 14.65 -0.66
C GLY A 234 7.39 14.53 0.19
N ILE A 235 7.18 14.59 1.51
CA ILE A 235 8.22 14.64 2.52
C ILE A 235 7.81 13.71 3.69
N ARG A 236 8.78 13.06 4.34
CA ARG A 236 8.44 12.30 5.52
C ARG A 236 7.82 13.21 6.57
N GLN A 237 6.86 12.64 7.31
CA GLN A 237 6.29 13.30 8.50
C GLN A 237 7.39 13.63 9.52
N GLY A 238 7.23 14.78 10.15
CA GLY A 238 8.18 15.20 11.17
C GLY A 238 8.17 14.23 12.36
N GLY A 239 9.28 14.23 13.08
CA GLY A 239 9.44 13.48 14.32
C GLY A 239 10.48 14.16 15.20
N ASP A 240 10.78 13.52 16.35
CA ASP A 240 11.65 14.11 17.37
C ASP A 240 13.09 13.58 17.31
N ASP A 241 13.36 12.47 16.60
CA ASP A 241 14.72 11.99 16.43
C ASP A 241 15.43 12.88 15.39
N ALA A 242 16.74 12.66 15.20
CA ALA A 242 17.53 13.47 14.27
C ALA A 242 16.92 13.49 12.87
N ILE A 243 16.52 12.31 12.38
CA ILE A 243 15.91 12.22 11.04
C ILE A 243 14.64 13.06 11.01
N GLY A 244 13.83 12.92 12.09
CA GLY A 244 12.54 13.57 12.10
C GLY A 244 12.59 15.10 12.24
N THR A 245 13.55 15.66 13.00
CA THR A 245 13.64 17.11 13.07
C THR A 245 14.20 17.67 11.76
N ARG A 246 15.08 16.92 11.05
CA ARG A 246 15.54 17.32 9.74
C ARG A 246 14.37 17.32 8.74
N ASP A 247 13.45 16.35 8.88
CA ASP A 247 12.29 16.28 8.01
C ASP A 247 11.32 17.43 8.28
N ALA A 248 11.09 17.74 9.57
CA ALA A 248 10.26 18.90 9.86
C ALA A 248 10.84 20.17 9.25
N LYS A 249 12.16 20.36 9.34
CA LYS A 249 12.77 21.54 8.78
CA LYS A 249 12.79 21.54 8.78
C LYS A 249 12.68 21.55 7.25
N LEU A 250 12.78 20.37 6.58
CA LEU A 250 12.69 20.34 5.13
CA LEU A 250 12.65 20.26 5.13
C LEU A 250 11.29 20.82 4.71
N LEU A 251 10.23 20.45 5.44
CA LEU A 251 8.89 20.90 5.08
C LEU A 251 8.80 22.43 5.18
N LYS A 252 9.31 22.96 6.30
CA LYS A 252 9.36 24.39 6.54
C LYS A 252 10.12 25.12 5.43
N ASP A 253 11.28 24.59 5.04
CA ASP A 253 12.10 25.22 4.02
C ASP A 253 11.44 25.18 2.64
N PHE A 254 10.84 24.05 2.28
CA PHE A 254 10.17 23.94 1.00
C PHE A 254 8.98 24.91 0.90
N ASN A 255 8.15 25.00 1.96
CA ASN A 255 7.04 25.92 1.86
C ASN A 255 7.51 27.38 1.73
N LYS A 256 8.55 27.77 2.46
CA LYS A 256 9.06 29.14 2.35
C LYS A 256 9.56 29.39 0.92
N ALA A 257 10.29 28.40 0.39
CA ALA A 257 10.87 28.51 -0.94
C ALA A 257 9.80 28.60 -2.02
N ILE A 258 8.74 27.79 -1.90
CA ILE A 258 7.63 27.85 -2.86
C ILE A 258 6.96 29.22 -2.84
N ASN A 259 6.73 29.77 -1.65
CA ASN A 259 6.16 31.11 -1.55
C ASN A 259 7.04 32.15 -2.26
N THR A 260 8.36 32.07 -2.02
CA THR A 260 9.30 33.01 -2.61
C THR A 260 9.30 32.85 -4.15
N ALA A 261 9.34 31.59 -4.64
CA ALA A 261 9.33 31.32 -6.07
C ALA A 261 8.04 31.87 -6.70
N ARG A 262 6.90 31.70 -6.03
CA ARG A 262 5.62 32.21 -6.53
C ARG A 262 5.65 33.74 -6.62
N LYS A 263 6.12 34.41 -5.57
CA LYS A 263 6.24 35.87 -5.55
C LYS A 263 7.09 36.37 -6.71
N GLN A 264 8.17 35.65 -7.04
CA GLN A 264 9.12 36.03 -8.10
C GLN A 264 8.62 35.63 -9.49
N GLY A 265 7.49 34.93 -9.60
CA GLY A 265 6.92 34.52 -10.88
C GLY A 265 7.60 33.29 -11.48
N ILE A 266 8.46 32.63 -10.72
CA ILE A 266 9.29 31.54 -11.20
C ILE A 266 8.46 30.29 -11.55
N ILE A 267 7.51 29.91 -10.71
CA ILE A 267 6.78 28.66 -10.93
C ILE A 267 5.96 28.79 -12.23
N SER A 268 5.29 29.92 -12.42
CA SER A 268 4.52 30.19 -13.63
C SER A 268 5.40 30.15 -14.88
N LYS A 269 6.54 30.83 -14.81
CA LYS A 269 7.44 30.87 -15.96
C LYS A 269 7.89 29.45 -16.34
N LEU A 270 8.28 28.66 -15.34
CA LEU A 270 8.71 27.29 -15.58
C LEU A 270 7.58 26.45 -16.14
N ALA A 271 6.38 26.58 -15.58
CA ALA A 271 5.27 25.79 -16.09
C ALA A 271 5.07 26.08 -17.58
N ILE A 272 5.08 27.34 -18.00
CA ILE A 272 4.86 27.65 -19.41
C ILE A 272 5.97 27.07 -20.29
N LYS A 273 7.20 27.06 -19.76
CA LYS A 273 8.37 26.55 -20.48
C LYS A 273 8.35 25.03 -20.63
N HIS A 274 7.48 24.30 -19.91
CA HIS A 274 7.38 22.84 -19.96
C HIS A 274 6.04 22.34 -20.46
N PHE A 275 4.94 22.92 -19.98
CA PHE A 275 3.61 22.46 -20.35
C PHE A 275 3.05 23.24 -21.54
N GLY A 276 3.57 24.44 -21.78
CA GLY A 276 2.99 25.35 -22.76
C GLY A 276 1.83 26.21 -22.26
N PHE A 277 1.48 26.05 -20.97
CA PHE A 277 0.46 26.86 -20.34
C PHE A 277 0.78 26.90 -18.85
N ASP A 278 0.15 27.82 -18.13
CA ASP A 278 0.47 28.00 -16.73
C ASP A 278 -0.30 26.99 -15.86
N ALA A 279 0.35 25.84 -15.64
CA ALA A 279 -0.15 24.77 -14.80
C ALA A 279 0.17 25.01 -13.32
N SER A 280 0.91 26.08 -12.98
CA SER A 280 1.32 26.34 -11.60
C SER A 280 0.15 26.74 -10.71
N MET A 281 0.40 26.56 -9.39
CA MET A 281 -0.44 26.97 -8.27
CA MET A 281 -0.48 27.05 -8.33
C MET A 281 0.28 28.04 -7.44
N ASP B 22 22.04 -1.84 23.49
CA ASP B 22 21.00 -0.80 23.73
C ASP B 22 19.63 -1.49 23.78
N LYS B 23 18.70 -0.85 24.50
CA LYS B 23 17.28 -1.20 24.60
C LYS B 23 16.64 -1.39 23.21
N ILE B 24 15.72 -2.37 23.13
CA ILE B 24 14.95 -2.67 21.91
C ILE B 24 13.48 -2.37 22.20
N LYS B 25 12.83 -1.66 21.28
CA LYS B 25 11.39 -1.46 21.29
C LYS B 25 10.74 -2.38 20.27
N ILE B 26 9.78 -3.21 20.74
CA ILE B 26 9.10 -4.18 19.89
C ILE B 26 7.66 -3.77 19.74
N GLY B 27 7.21 -3.55 18.50
CA GLY B 27 5.82 -3.24 18.23
C GLY B 27 4.99 -4.49 18.02
N THR B 28 3.80 -4.47 18.63
CA THR B 28 2.81 -5.47 18.39
C THR B 28 1.43 -4.79 18.38
N GLU B 29 0.41 -5.53 17.96
CA GLU B 29 -0.92 -4.94 17.75
C GLU B 29 -1.75 -4.96 19.05
N GLY B 30 -1.80 -6.13 19.68
CA GLY B 30 -2.66 -6.34 20.83
C GLY B 30 -4.12 -6.62 20.49
N ALA B 31 -4.41 -7.09 19.26
CA ALA B 31 -5.76 -7.41 18.83
C ALA B 31 -5.79 -8.65 17.91
N TYR B 32 -4.92 -9.61 18.20
CA TYR B 32 -4.74 -10.76 17.33
C TYR B 32 -4.46 -12.03 18.14
N PRO B 33 -5.38 -12.44 19.05
CA PRO B 33 -5.13 -13.66 19.83
C PRO B 33 -5.07 -14.89 18.94
N PRO B 34 -4.25 -15.92 19.26
CA PRO B 34 -3.41 -15.98 20.47
C PRO B 34 -1.99 -15.43 20.38
N TRP B 35 -1.70 -14.75 19.26
CA TRP B 35 -0.38 -14.20 19.00
C TRP B 35 -0.09 -13.01 19.90
N ASN B 36 -1.03 -12.06 19.94
CA ASN B 36 -0.85 -10.85 20.72
C ASN B 36 -2.25 -10.32 20.99
N SER B 37 -2.52 -9.98 22.26
CA SER B 37 -3.86 -9.56 22.68
CA SER B 37 -3.87 -9.58 22.69
C SER B 37 -3.73 -8.72 23.94
N LYS B 38 -4.87 -8.30 24.49
CA LYS B 38 -4.84 -7.51 25.72
C LYS B 38 -5.68 -8.21 26.76
N ASP B 39 -5.23 -8.20 28.02
CA ASP B 39 -6.08 -8.67 29.12
C ASP B 39 -7.04 -7.55 29.52
N ALA B 40 -7.68 -7.68 30.69
CA ALA B 40 -8.65 -6.71 31.16
C ALA B 40 -7.96 -5.42 31.61
N SER B 41 -6.93 -5.56 32.46
CA SER B 41 -6.19 -4.42 32.97
C SER B 41 -5.81 -3.50 31.82
N GLY B 42 -5.47 -4.13 30.68
CA GLY B 42 -5.07 -3.45 29.46
C GLY B 42 -3.72 -3.95 28.96
N ALA B 43 -3.10 -4.87 29.72
CA ALA B 43 -1.72 -5.29 29.50
C ALA B 43 -1.63 -6.23 28.30
N LEU B 44 -0.51 -6.17 27.60
CA LEU B 44 -0.31 -6.97 26.39
C LEU B 44 0.10 -8.40 26.79
N ILE B 45 -0.52 -9.39 26.15
CA ILE B 45 -0.28 -10.81 26.41
C ILE B 45 -0.20 -11.55 25.07
N GLY B 46 0.23 -12.81 25.13
CA GLY B 46 0.14 -13.73 24.02
C GLY B 46 1.50 -14.36 23.71
N PHE B 47 1.46 -15.27 22.74
CA PHE B 47 2.64 -15.99 22.27
C PHE B 47 3.80 -15.05 21.95
N GLU B 48 3.51 -13.97 21.24
CA GLU B 48 4.61 -13.13 20.76
C GLU B 48 5.15 -12.22 21.85
N VAL B 49 4.32 -11.94 22.86
CA VAL B 49 4.79 -11.13 23.98
C VAL B 49 5.77 -11.98 24.81
N GLU B 50 5.38 -13.22 25.15
CA GLU B 50 6.26 -14.07 25.93
CA GLU B 50 6.26 -14.09 25.91
C GLU B 50 7.51 -14.42 25.11
N LEU B 51 7.35 -14.65 23.80
CA LEU B 51 8.52 -14.97 22.98
C LEU B 51 9.48 -13.78 22.91
N ALA B 52 8.95 -12.57 22.68
CA ALA B 52 9.75 -11.36 22.66
C ALA B 52 10.65 -11.26 23.90
N GLU B 53 10.03 -11.45 25.09
CA GLU B 53 10.74 -11.33 26.35
C GLU B 53 11.88 -12.37 26.41
N GLU B 54 11.58 -13.61 26.01
CA GLU B 54 12.59 -14.67 26.00
C GLU B 54 13.75 -14.33 25.05
N LEU B 55 13.41 -13.87 23.83
CA LEU B 55 14.46 -13.59 22.86
C LEU B 55 15.35 -12.47 23.36
N CYS B 56 14.77 -11.42 23.95
CA CYS B 56 15.56 -10.31 24.46
C CYS B 56 16.46 -10.75 25.62
N LYS B 57 15.95 -11.65 26.47
CA LYS B 57 16.75 -12.20 27.58
C LYS B 57 17.98 -12.92 27.01
N ILE B 58 17.78 -13.71 25.96
CA ILE B 58 18.87 -14.46 25.33
C ILE B 58 19.89 -13.50 24.74
N MET B 59 19.39 -12.39 24.15
CA MET B 59 20.22 -11.36 23.55
CA MET B 59 20.23 -11.37 23.52
C MET B 59 20.98 -10.56 24.59
N GLY B 60 20.49 -10.54 25.83
CA GLY B 60 21.10 -9.67 26.83
C GLY B 60 20.73 -8.19 26.63
N ARG B 61 19.55 -7.94 26.07
CA ARG B 61 19.12 -6.57 25.79
C ARG B 61 17.76 -6.33 26.45
N GLU B 62 17.57 -5.13 27.01
CA GLU B 62 16.29 -4.76 27.61
C GLU B 62 15.24 -4.62 26.51
N CYS B 63 14.00 -4.96 26.87
CA CYS B 63 12.84 -5.11 26.03
C CYS B 63 11.73 -4.15 26.49
N THR B 64 11.16 -3.38 25.57
CA THR B 64 9.92 -2.67 25.78
C THR B 64 8.96 -3.03 24.66
N ILE B 65 7.78 -3.58 25.02
CA ILE B 65 6.76 -3.94 24.04
CA ILE B 65 6.78 -3.92 24.02
C ILE B 65 5.76 -2.79 23.96
N VAL B 66 5.51 -2.28 22.75
CA VAL B 66 4.59 -1.18 22.54
C VAL B 66 3.48 -1.60 21.58
N GLU B 67 2.34 -0.93 21.73
CA GLU B 67 1.14 -1.14 20.96
C GLU B 67 1.23 -0.28 19.69
N GLN B 68 0.87 -0.87 18.54
CA GLN B 68 0.80 -0.20 17.26
C GLN B 68 -0.35 -0.81 16.45
N ASP B 69 -1.15 0.04 15.81
CA ASP B 69 -2.20 -0.45 14.95
C ASP B 69 -1.61 -1.23 13.78
N TRP B 70 -2.29 -2.32 13.37
CA TRP B 70 -1.83 -3.13 12.26
C TRP B 70 -1.77 -2.31 10.97
N ASP B 71 -2.80 -1.51 10.73
CA ASP B 71 -2.92 -0.73 9.49
C ASP B 71 -1.61 0.01 9.21
N GLY B 72 -1.04 0.68 10.19
CA GLY B 72 0.15 1.45 9.84
C GLY B 72 1.49 0.83 10.27
N MET B 73 1.54 -0.49 10.46
CA MET B 73 2.62 -1.17 11.16
CA MET B 73 2.63 -1.09 11.19
C MET B 73 3.97 -0.98 10.46
N ILE B 74 4.03 -1.20 9.13
CA ILE B 74 5.30 -1.13 8.41
C ILE B 74 5.77 0.32 8.30
N PRO B 75 4.92 1.28 7.91
CA PRO B 75 5.33 2.68 8.02
C PRO B 75 5.82 3.11 9.40
N ALA B 76 5.21 2.59 10.48
CA ALA B 76 5.64 2.97 11.81
C ALA B 76 7.05 2.47 12.09
N LEU B 77 7.34 1.22 11.69
CA LEU B 77 8.70 0.69 11.80
C LEU B 77 9.68 1.57 11.01
N LEU B 78 9.30 1.91 9.79
CA LEU B 78 10.19 2.70 8.92
C LEU B 78 10.43 4.08 9.54
N MET B 79 9.43 4.63 10.22
CA MET B 79 9.46 5.94 10.86
C MET B 79 10.06 5.92 12.28
N ARG B 80 10.72 4.82 12.66
CA ARG B 80 11.54 4.70 13.87
C ARG B 80 10.66 4.82 15.14
N LYS B 81 9.40 4.39 15.06
CA LYS B 81 8.52 4.42 16.23
C LYS B 81 8.77 3.23 17.15
N PHE B 82 9.46 2.19 16.64
CA PHE B 82 9.95 1.05 17.38
C PHE B 82 11.00 0.39 16.45
N ASP B 83 11.63 -0.68 16.91
CA ASP B 83 12.75 -1.34 16.24
C ASP B 83 12.43 -2.66 15.56
N ALA B 84 11.35 -3.33 15.94
CA ALA B 84 11.04 -4.65 15.42
C ALA B 84 9.53 -4.89 15.51
N ILE B 85 8.98 -5.59 14.52
CA ILE B 85 7.60 -6.03 14.47
C ILE B 85 7.50 -7.48 14.91
N MET B 86 6.70 -7.72 15.98
CA MET B 86 6.25 -9.06 16.33
C MET B 86 4.73 -9.02 16.48
N ALA B 87 4.00 -9.27 15.39
CA ALA B 87 2.56 -9.07 15.34
C ALA B 87 1.84 -10.06 14.41
N GLY B 88 2.38 -11.28 14.31
CA GLY B 88 1.79 -12.26 13.44
C GLY B 88 2.06 -12.01 11.94
N MET B 89 3.15 -11.27 11.64
CA MET B 89 3.41 -10.81 10.27
C MET B 89 4.18 -11.88 9.44
N SER B 90 3.48 -12.38 8.42
CA SER B 90 4.05 -13.35 7.50
C SER B 90 5.17 -12.74 6.64
N ILE B 91 6.20 -13.55 6.42
CA ILE B 91 7.36 -13.19 5.62
C ILE B 91 7.01 -13.34 4.12
N THR B 92 6.91 -12.22 3.41
CA THR B 92 6.52 -12.24 2.01
C THR B 92 7.53 -11.47 1.19
N ALA B 93 7.70 -11.89 -0.08
CA ALA B 93 8.54 -11.18 -1.05
C ALA B 93 8.16 -9.71 -1.18
N GLU B 94 6.84 -9.43 -1.14
CA GLU B 94 6.37 -8.06 -1.25
C GLU B 94 6.90 -7.22 -0.09
N ARG B 95 6.73 -7.69 1.16
CA ARG B 95 7.23 -6.94 2.28
C ARG B 95 8.76 -6.83 2.29
N GLN B 96 9.48 -7.83 1.76
CA GLN B 96 10.93 -7.79 1.73
C GLN B 96 11.48 -6.77 0.70
N LYS B 97 10.62 -6.17 -0.14
CA LYS B 97 11.02 -4.99 -0.88
C LYS B 97 11.27 -3.76 0.00
N THR B 98 10.65 -3.68 1.20
CA THR B 98 10.74 -2.46 1.97
CA THR B 98 10.64 -2.46 1.99
C THR B 98 11.38 -2.67 3.33
N ILE B 99 11.16 -3.85 3.96
CA ILE B 99 11.79 -4.17 5.24
C ILE B 99 12.50 -5.52 5.08
N THR B 100 13.03 -6.09 6.14
CA THR B 100 13.51 -7.45 6.12
C THR B 100 12.93 -8.20 7.33
N PHE B 101 13.21 -9.50 7.38
CA PHE B 101 12.68 -10.36 8.42
C PHE B 101 13.77 -11.25 8.96
N SER B 102 13.65 -11.55 10.27
CA SER B 102 14.32 -12.73 10.79
C SER B 102 13.82 -13.99 10.05
N GLN B 103 14.48 -15.09 10.33
CA GLN B 103 13.90 -16.39 9.99
C GLN B 103 12.55 -16.55 10.69
N GLY B 104 11.75 -17.45 10.18
CA GLY B 104 10.45 -17.72 10.77
C GLY B 104 10.58 -18.36 12.15
N TYR B 105 9.68 -17.94 13.03
CA TYR B 105 9.56 -18.55 14.36
C TYR B 105 8.27 -19.37 14.51
N ALA B 106 7.28 -19.20 13.62
CA ALA B 106 6.03 -19.95 13.67
C ALA B 106 5.37 -19.94 12.29
N ASP B 107 4.41 -20.84 12.09
CA ASP B 107 3.68 -20.96 10.83
C ASP B 107 2.25 -20.50 11.09
N GLU B 108 1.57 -20.00 10.05
CA GLU B 108 0.15 -19.66 10.14
C GLU B 108 -0.58 -19.97 8.83
N VAL B 109 -1.42 -21.02 8.79
CA VAL B 109 -2.18 -21.31 7.57
C VAL B 109 -3.45 -20.46 7.56
N ALA B 110 -3.86 -20.09 6.35
CA ALA B 110 -5.06 -19.32 6.10
C ALA B 110 -6.20 -20.25 5.73
N ALA B 111 -7.42 -19.76 5.95
CA ALA B 111 -8.60 -20.51 5.61
C ALA B 111 -9.75 -19.55 5.28
N LEU B 112 -10.73 -20.04 4.51
CA LEU B 112 -12.00 -19.38 4.28
C LEU B 112 -12.96 -19.85 5.37
N ALA B 113 -13.80 -18.90 5.81
CA ALA B 113 -14.85 -19.20 6.78
C ALA B 113 -16.18 -18.63 6.28
N VAL B 114 -17.24 -19.40 6.63
CA VAL B 114 -18.61 -19.03 6.33
C VAL B 114 -19.50 -19.37 7.53
N MET B 115 -20.76 -18.97 7.46
CA MET B 115 -21.71 -19.40 8.48
C MET B 115 -22.34 -20.73 8.04
N LYS B 116 -22.63 -21.60 9.01
CA LYS B 116 -23.27 -22.88 8.78
C LYS B 116 -24.54 -22.67 7.96
N GLY B 117 -24.65 -23.45 6.87
CA GLY B 117 -25.74 -23.35 5.91
C GLY B 117 -25.30 -22.77 4.56
N SER B 118 -24.15 -22.09 4.54
CA SER B 118 -23.59 -21.52 3.32
C SER B 118 -23.42 -22.59 2.24
N SER B 119 -23.67 -22.17 0.98
CA SER B 119 -23.39 -23.04 -0.17
C SER B 119 -21.93 -23.51 -0.21
N LEU B 120 -21.00 -22.72 0.34
CA LEU B 120 -19.58 -23.04 0.27
CA LEU B 120 -19.58 -23.05 0.25
C LEU B 120 -19.19 -24.26 1.11
N GLU B 121 -20.08 -24.69 2.03
CA GLU B 121 -19.84 -25.95 2.73
C GLU B 121 -19.74 -27.15 1.75
N SER B 122 -20.30 -27.03 0.54
CA SER B 122 -20.28 -28.16 -0.38
CA SER B 122 -20.32 -28.11 -0.44
C SER B 122 -19.01 -28.20 -1.22
N MET B 123 -18.14 -27.21 -1.05
CA MET B 123 -16.93 -27.10 -1.84
C MET B 123 -16.09 -28.36 -1.71
N ASP B 124 -15.71 -28.88 -2.87
CA ASP B 124 -14.93 -30.10 -3.03
C ASP B 124 -13.54 -29.64 -3.44
N THR B 125 -12.63 -29.60 -2.45
CA THR B 125 -11.23 -29.29 -2.71
C THR B 125 -10.32 -30.22 -1.89
N PRO B 126 -9.01 -30.28 -2.16
CA PRO B 126 -8.08 -30.91 -1.24
C PRO B 126 -8.03 -30.18 0.10
N GLU B 127 -7.36 -30.79 1.09
CA GLU B 127 -7.29 -30.24 2.43
C GLU B 127 -6.42 -28.97 2.47
N GLY B 128 -5.38 -28.92 1.65
CA GLY B 128 -4.48 -27.79 1.66
C GLY B 128 -3.91 -27.55 0.26
N ILE B 129 -3.55 -26.30 -0.02
CA ILE B 129 -2.80 -25.99 -1.21
C ILE B 129 -1.60 -25.11 -0.84
N ASN B 130 -0.52 -25.36 -1.61
CA ASN B 130 0.71 -24.60 -1.48
C ASN B 130 0.91 -23.88 -2.81
N LEU B 131 0.81 -22.55 -2.77
CA LEU B 131 0.84 -21.72 -3.96
C LEU B 131 2.26 -21.47 -4.45
N THR B 132 3.29 -21.83 -3.67
CA THR B 132 4.66 -21.76 -4.16
C THR B 132 4.96 -23.02 -4.97
N LEU B 133 4.63 -24.20 -4.44
CA LEU B 133 4.97 -25.47 -5.09
C LEU B 133 4.06 -25.71 -6.30
N GLY B 134 2.79 -25.31 -6.21
CA GLY B 134 1.86 -25.40 -7.32
C GLY B 134 1.61 -26.84 -7.76
N GLY B 135 1.39 -27.04 -9.07
CA GLY B 135 1.10 -28.35 -9.64
C GLY B 135 -0.35 -28.43 -10.10
N SER B 136 -0.71 -29.55 -10.74
CA SER B 136 -2.02 -29.70 -11.32
C SER B 136 -3.17 -29.64 -10.31
N ALA B 137 -3.01 -30.23 -9.11
CA ALA B 137 -4.05 -30.19 -8.07
C ALA B 137 -4.28 -28.76 -7.56
N VAL B 138 -3.21 -27.97 -7.43
CA VAL B 138 -3.34 -26.57 -7.06
C VAL B 138 -4.10 -25.81 -8.14
N LYS B 139 -3.73 -26.02 -9.41
CA LYS B 139 -4.39 -25.36 -10.53
C LYS B 139 -5.88 -25.69 -10.53
N LYS B 140 -6.24 -26.97 -10.30
CA LYS B 140 -7.64 -27.41 -10.23
C LYS B 140 -8.37 -26.68 -9.11
N THR B 141 -7.73 -26.61 -7.94
CA THR B 141 -8.33 -25.98 -6.78
C THR B 141 -8.57 -24.49 -7.07
N LEU B 142 -7.62 -23.80 -7.71
CA LEU B 142 -7.82 -22.38 -7.97
C LEU B 142 -9.03 -22.14 -8.89
N LYS B 143 -9.26 -23.05 -9.87
CA LYS B 143 -10.43 -22.98 -10.74
C LYS B 143 -11.72 -23.10 -9.90
N THR B 144 -11.75 -24.07 -9.00
CA THR B 144 -12.90 -24.28 -8.10
C THR B 144 -13.17 -23.04 -7.25
N LEU B 145 -12.12 -22.46 -6.66
CA LEU B 145 -12.25 -21.30 -5.80
C LEU B 145 -12.73 -20.08 -6.56
N THR B 146 -12.21 -19.94 -7.80
CA THR B 146 -12.61 -18.84 -8.66
C THR B 146 -14.14 -18.85 -8.85
N ALA B 147 -14.67 -20.03 -9.20
CA ALA B 147 -16.10 -20.15 -9.42
C ALA B 147 -16.86 -19.93 -8.12
N ALA B 148 -16.32 -20.48 -7.03
CA ALA B 148 -17.01 -20.42 -5.72
C ALA B 148 -17.16 -19.00 -5.19
N LEU B 149 -16.14 -18.15 -5.40
CA LEU B 149 -16.12 -16.79 -4.83
C LEU B 149 -16.79 -15.77 -5.75
N ALA B 150 -17.13 -16.17 -6.98
CA ALA B 150 -17.73 -15.25 -7.94
C ALA B 150 -19.03 -14.70 -7.36
N GLY B 151 -19.16 -13.38 -7.38
CA GLY B 151 -20.37 -12.72 -6.95
C GLY B 151 -20.52 -12.58 -5.42
N LYS B 152 -19.57 -13.12 -4.66
CA LYS B 152 -19.67 -13.09 -3.21
C LYS B 152 -18.93 -11.90 -2.63
N THR B 153 -19.40 -11.39 -1.48
CA THR B 153 -18.62 -10.43 -0.71
C THR B 153 -17.66 -11.22 0.18
N VAL B 154 -16.36 -10.85 0.18
CA VAL B 154 -15.35 -11.55 0.95
C VAL B 154 -14.63 -10.54 1.84
N CYS B 155 -14.71 -10.75 3.18
CA CYS B 155 -14.11 -9.83 4.13
C CYS B 155 -12.73 -10.32 4.57
N THR B 156 -11.80 -9.34 4.70
CA THR B 156 -10.48 -9.57 5.27
CA THR B 156 -10.45 -9.54 5.22
C THR B 156 -10.01 -8.35 6.05
N GLN B 157 -8.94 -8.54 6.83
CA GLN B 157 -8.29 -7.43 7.48
C GLN B 157 -7.45 -6.66 6.47
N THR B 158 -7.49 -5.32 6.58
CA THR B 158 -6.67 -4.42 5.77
CA THR B 158 -6.68 -4.49 5.71
C THR B 158 -5.19 -4.78 5.86
N GLY B 159 -4.46 -4.66 4.75
CA GLY B 159 -3.01 -4.77 4.79
C GLY B 159 -2.49 -6.17 5.11
N THR B 160 -3.24 -7.21 4.74
CA THR B 160 -2.84 -8.56 5.01
C THR B 160 -2.53 -9.34 3.72
N ILE B 161 -1.84 -10.46 3.90
CA ILE B 161 -1.66 -11.45 2.84
C ILE B 161 -2.99 -11.89 2.25
N HIS B 162 -4.05 -11.90 3.09
CA HIS B 162 -5.35 -12.36 2.65
C HIS B 162 -5.95 -11.40 1.63
N GLN B 163 -5.88 -10.10 1.93
CA GLN B 163 -6.24 -9.06 0.98
C GLN B 163 -5.44 -9.17 -0.32
N ASN B 164 -4.11 -9.34 -0.17
CA ASN B 164 -3.24 -9.39 -1.35
C ASN B 164 -3.65 -10.57 -2.23
N PHE B 165 -3.87 -11.75 -1.67
CA PHE B 165 -4.25 -12.91 -2.47
C PHE B 165 -5.54 -12.63 -3.23
N LEU B 166 -6.56 -12.13 -2.53
CA LEU B 166 -7.83 -11.90 -3.17
C LEU B 166 -7.75 -10.84 -4.28
N GLU B 167 -6.92 -9.80 -4.10
CA GLU B 167 -6.81 -8.71 -5.06
CA GLU B 167 -6.82 -8.73 -5.07
C GLU B 167 -5.87 -9.09 -6.21
N SER B 168 -5.20 -10.26 -6.13
CA SER B 168 -4.15 -10.64 -7.09
C SER B 168 -4.68 -11.00 -8.48
N GLY B 169 -5.94 -11.46 -8.56
CA GLY B 169 -6.47 -12.02 -9.78
C GLY B 169 -6.37 -13.54 -9.85
N ASP B 170 -5.63 -14.16 -8.91
CA ASP B 170 -5.43 -15.61 -8.91
C ASP B 170 -6.73 -16.39 -8.71
N VAL B 171 -7.74 -15.78 -8.05
CA VAL B 171 -9.06 -16.39 -7.97
C VAL B 171 -10.10 -15.46 -8.60
N GLY B 172 -9.73 -14.78 -9.70
CA GLY B 172 -10.66 -13.90 -10.39
C GLY B 172 -10.81 -12.55 -9.70
N LYS B 173 -11.72 -11.73 -10.23
CA LYS B 173 -12.03 -10.43 -9.67
C LYS B 173 -12.97 -10.67 -8.48
N VAL B 174 -12.50 -10.34 -7.29
CA VAL B 174 -13.24 -10.60 -6.07
C VAL B 174 -13.73 -9.27 -5.49
N ASN B 175 -14.97 -9.28 -4.97
CA ASN B 175 -15.52 -8.17 -4.21
CA ASN B 175 -15.53 -8.18 -4.20
C ASN B 175 -15.03 -8.25 -2.77
N VAL B 176 -13.98 -7.48 -2.45
CA VAL B 176 -13.28 -7.53 -1.17
C VAL B 176 -13.77 -6.41 -0.26
N ARG B 177 -14.18 -6.76 0.96
CA ARG B 177 -14.49 -5.82 2.05
C ARG B 177 -13.28 -5.89 2.99
N THR B 178 -12.78 -4.75 3.49
CA THR B 178 -11.75 -4.76 4.52
C THR B 178 -12.16 -3.96 5.75
N TYR B 179 -11.64 -4.40 6.89
CA TYR B 179 -11.72 -3.67 8.14
C TYR B 179 -10.34 -3.61 8.80
N LYS B 180 -10.21 -2.73 9.80
CA LYS B 180 -8.92 -2.48 10.40
C LYS B 180 -8.44 -3.62 11.29
N THR B 181 -9.38 -4.33 11.94
CA THR B 181 -9.04 -5.37 12.91
C THR B 181 -9.74 -6.71 12.60
N GLN B 182 -9.11 -7.80 13.03
CA GLN B 182 -9.67 -9.12 12.78
C GLN B 182 -11.01 -9.29 13.54
N ASP B 183 -11.24 -8.63 14.71
CA ASP B 183 -12.54 -8.73 15.38
C ASP B 183 -13.65 -8.24 14.46
N GLU B 184 -13.38 -7.14 13.74
CA GLU B 184 -14.37 -6.59 12.84
C GLU B 184 -14.64 -7.54 11.67
N VAL B 185 -13.62 -8.29 11.21
CA VAL B 185 -13.82 -9.28 10.17
C VAL B 185 -14.75 -10.38 10.69
N ASN B 186 -14.48 -10.84 11.93
CA ASN B 186 -15.28 -11.93 12.49
C ASN B 186 -16.76 -11.54 12.59
N LEU B 187 -16.99 -10.29 13.01
CA LEU B 187 -18.35 -9.81 13.21
C LEU B 187 -19.04 -9.50 11.88
N ASP B 188 -18.24 -9.13 10.86
CA ASP B 188 -18.82 -8.94 9.53
C ASP B 188 -19.45 -10.23 9.05
N LEU B 189 -18.79 -11.38 9.32
CA LEU B 189 -19.32 -12.68 8.92
C LEU B 189 -20.56 -13.07 9.74
N THR B 190 -20.47 -12.95 11.07
CA THR B 190 -21.59 -13.44 11.87
C THR B 190 -22.81 -12.52 11.77
N SER B 191 -22.63 -11.24 11.46
CA SER B 191 -23.73 -10.29 11.33
C SER B 191 -24.48 -10.44 10.00
N GLY B 192 -23.89 -11.23 9.08
CA GLY B 192 -24.42 -11.39 7.75
C GLY B 192 -24.07 -10.26 6.78
N ARG B 193 -23.14 -9.39 7.14
CA ARG B 193 -22.73 -8.30 6.24
C ARG B 193 -21.89 -8.85 5.07
N CYS B 194 -21.13 -9.94 5.28
CA CYS B 194 -20.40 -10.54 4.18
C CYS B 194 -20.77 -12.01 4.01
N ASP B 195 -20.47 -12.60 2.85
CA ASP B 195 -20.79 -13.98 2.55
C ASP B 195 -19.69 -14.94 3.03
N VAL B 196 -18.44 -14.46 3.02
CA VAL B 196 -17.26 -15.29 3.24
CA VAL B 196 -17.31 -15.32 3.36
C VAL B 196 -16.18 -14.41 3.86
N ALA B 197 -15.27 -14.99 4.68
CA ALA B 197 -14.11 -14.26 5.15
C ALA B 197 -12.84 -15.09 4.92
N LEU B 198 -11.70 -14.40 4.76
CA LEU B 198 -10.41 -15.05 4.65
C LEU B 198 -9.49 -14.47 5.74
N ALA B 199 -8.89 -15.37 6.51
CA ALA B 199 -7.97 -15.01 7.58
C ALA B 199 -7.23 -16.26 8.04
N ALA B 200 -6.39 -16.12 9.05
CA ALA B 200 -5.79 -17.29 9.65
C ALA B 200 -6.85 -18.26 10.17
N ALA B 201 -6.62 -19.54 9.92
CA ALA B 201 -7.52 -20.56 10.46
C ALA B 201 -7.61 -20.41 11.98
N VAL B 202 -6.47 -20.14 12.64
CA VAL B 202 -6.44 -20.07 14.10
CA VAL B 202 -6.42 -20.06 14.09
C VAL B 202 -7.25 -18.88 14.59
N ALA B 203 -7.33 -17.79 13.80
CA ALA B 203 -8.16 -16.65 14.18
C ALA B 203 -9.63 -17.05 14.20
N PHE B 204 -10.08 -17.68 13.12
N PHE B 204 -10.08 -17.83 13.22
CA PHE B 204 -11.47 -18.10 13.05
CA PHE B 204 -11.50 -18.13 13.10
C PHE B 204 -11.76 -19.18 14.09
C PHE B 204 -11.98 -19.08 14.19
N THR B 205 -10.75 -19.98 14.48
N THR B 205 -11.46 -20.31 14.21
CA THR B 205 -11.03 -21.00 15.50
CA THR B 205 -12.01 -21.35 15.08
C THR B 205 -11.00 -20.39 16.89
C THR B 205 -11.97 -20.92 16.54
N ASP B 206 -10.17 -19.38 17.11
N ASP B 206 -10.96 -20.10 16.88
CA ASP B 206 -10.16 -18.65 18.38
CA ASP B 206 -10.92 -19.57 18.24
C ASP B 206 -11.54 -18.01 18.62
C ASP B 206 -12.04 -18.55 18.46
N TYR B 207 -12.22 -17.59 17.54
CA TYR B 207 -13.45 -16.80 17.63
C TYR B 207 -14.67 -17.71 17.76
N ALA B 208 -14.71 -18.80 17.00
CA ALA B 208 -15.79 -19.75 17.08
C ALA B 208 -15.87 -20.33 18.50
N ASP B 209 -14.71 -20.65 19.09
CA ASP B 209 -14.62 -21.24 20.42
C ASP B 209 -15.12 -20.24 21.46
N LYS B 210 -14.68 -18.97 21.38
CA LYS B 210 -15.08 -17.99 22.38
C LYS B 210 -16.55 -17.61 22.23
N SER B 211 -17.01 -17.34 21.00
CA SER B 211 -18.33 -16.76 20.75
C SER B 211 -19.43 -17.82 20.77
N GLY B 212 -19.09 -19.08 20.46
CA GLY B 212 -20.05 -20.16 20.27
C GLY B 212 -20.89 -20.05 18.99
N LYS B 213 -20.51 -19.16 18.07
CA LYS B 213 -21.33 -18.94 16.89
C LYS B 213 -20.93 -19.94 15.83
N PRO B 214 -21.87 -20.32 14.91
CA PRO B 214 -21.64 -21.40 13.95
C PRO B 214 -20.81 -21.03 12.70
N VAL B 215 -19.59 -20.60 12.97
CA VAL B 215 -18.60 -20.30 11.95
C VAL B 215 -17.93 -21.62 11.58
N VAL B 216 -17.82 -21.87 10.27
CA VAL B 216 -17.21 -23.10 9.83
CA VAL B 216 -17.32 -23.11 9.72
C VAL B 216 -16.21 -22.80 8.73
N LEU B 217 -15.10 -23.54 8.80
CA LEU B 217 -14.06 -23.42 7.76
C LEU B 217 -14.42 -24.28 6.56
N VAL B 218 -14.13 -23.76 5.36
CA VAL B 218 -14.47 -24.42 4.11
C VAL B 218 -13.29 -24.34 3.16
N GLY B 219 -13.28 -25.28 2.20
CA GLY B 219 -12.21 -25.27 1.22
C GLY B 219 -10.86 -25.67 1.82
N PRO B 220 -9.78 -25.34 1.09
CA PRO B 220 -8.44 -25.74 1.48
C PRO B 220 -7.82 -24.74 2.45
N THR B 221 -6.85 -25.18 3.25
CA THR B 221 -5.95 -24.24 3.87
C THR B 221 -4.97 -23.71 2.81
N PHE B 222 -4.49 -22.49 3.04
CA PHE B 222 -3.58 -21.82 2.11
C PHE B 222 -2.21 -21.58 2.73
N SER B 223 -1.17 -21.88 1.94
CA SER B 223 0.24 -21.67 2.27
C SER B 223 0.99 -21.24 1.01
N GLY B 224 2.09 -20.51 1.19
CA GLY B 224 2.96 -20.13 0.10
C GLY B 224 2.38 -19.00 -0.75
N GLY B 225 3.06 -18.72 -1.86
CA GLY B 225 2.70 -17.59 -2.70
C GLY B 225 2.50 -16.31 -1.87
N ALA B 226 1.35 -15.66 -2.07
CA ALA B 226 1.07 -14.41 -1.38
C ALA B 226 0.97 -14.61 0.13
N PHE B 227 0.80 -15.85 0.63
CA PHE B 227 0.67 -16.13 2.06
C PHE B 227 2.02 -16.23 2.74
N GLY B 228 3.09 -16.16 1.95
CA GLY B 228 4.40 -16.10 2.56
C GLY B 228 4.88 -17.44 3.08
N ASN B 229 5.98 -17.43 3.85
CA ASN B 229 6.63 -18.66 4.30
C ASN B 229 7.07 -18.40 5.74
N GLY B 230 6.13 -18.51 6.67
CA GLY B 230 6.42 -18.34 8.08
C GLY B 230 6.10 -16.93 8.55
N VAL B 231 5.99 -16.81 9.89
CA VAL B 231 5.86 -15.56 10.61
C VAL B 231 7.24 -15.24 11.19
N GLY B 232 7.72 -14.02 10.93
CA GLY B 232 9.02 -13.59 11.41
C GLY B 232 9.01 -12.20 12.04
N VAL B 233 10.18 -11.85 12.60
CA VAL B 233 10.37 -10.55 13.21
C VAL B 233 10.69 -9.56 12.08
N GLY B 234 9.89 -8.49 11.93
CA GLY B 234 10.12 -7.47 10.91
C GLY B 234 11.10 -6.42 11.40
N ILE B 235 12.13 -6.08 10.60
CA ILE B 235 13.21 -5.19 11.01
C ILE B 235 13.54 -4.30 9.81
N ARG B 236 13.97 -3.04 10.05
CA ARG B 236 14.41 -2.21 8.93
C ARG B 236 15.60 -2.87 8.24
N GLN B 237 15.69 -2.62 6.93
CA GLN B 237 16.84 -3.06 6.17
C GLN B 237 18.09 -2.33 6.66
N GLY B 238 19.20 -3.08 6.65
CA GLY B 238 20.49 -2.58 7.11
C GLY B 238 21.03 -1.51 6.16
N GLY B 239 21.95 -0.68 6.66
CA GLY B 239 22.55 0.42 5.91
C GLY B 239 23.87 0.85 6.55
N ASP B 240 24.43 2.00 6.12
CA ASP B 240 25.79 2.41 6.47
C ASP B 240 25.88 3.47 7.57
N ASP B 241 24.78 4.20 7.79
CA ASP B 241 24.69 5.20 8.83
C ASP B 241 24.52 4.49 10.16
N ALA B 242 24.43 5.26 11.26
CA ALA B 242 24.31 4.69 12.59
C ALA B 242 23.06 3.82 12.67
N ILE B 243 21.93 4.34 12.15
CA ILE B 243 20.66 3.62 12.20
C ILE B 243 20.75 2.30 11.42
N GLY B 244 21.38 2.33 10.24
CA GLY B 244 21.48 1.14 9.39
C GLY B 244 22.41 0.06 9.95
N THR B 245 23.52 0.43 10.60
CA THR B 245 24.39 -0.59 11.17
C THR B 245 23.73 -1.16 12.43
N ARG B 246 22.99 -0.34 13.19
CA ARG B 246 22.21 -0.86 14.33
C ARG B 246 21.17 -1.87 13.84
N ASP B 247 20.49 -1.59 12.72
CA ASP B 247 19.44 -2.45 12.21
C ASP B 247 20.01 -3.78 11.69
N ALA B 248 21.17 -3.74 11.03
CA ALA B 248 21.80 -4.98 10.57
C ALA B 248 22.19 -5.85 11.77
N LYS B 249 22.75 -5.23 12.81
CA LYS B 249 23.09 -5.97 14.02
C LYS B 249 21.85 -6.55 14.73
N LEU B 250 20.76 -5.79 14.78
CA LEU B 250 19.53 -6.28 15.40
C LEU B 250 19.01 -7.54 14.69
N LEU B 251 19.07 -7.55 13.36
CA LEU B 251 18.64 -8.71 12.62
C LEU B 251 19.49 -9.92 13.00
N LYS B 252 20.83 -9.75 13.03
CA LYS B 252 21.68 -10.86 13.41
C LYS B 252 21.39 -11.32 14.84
N ASP B 253 21.23 -10.36 15.76
CA ASP B 253 20.92 -10.69 17.15
C ASP B 253 19.62 -11.50 17.28
N PHE B 254 18.56 -11.06 16.59
CA PHE B 254 17.29 -11.79 16.63
C PHE B 254 17.45 -13.20 16.07
N ASN B 255 18.14 -13.33 14.93
CA ASN B 255 18.33 -14.64 14.34
C ASN B 255 19.09 -15.58 15.28
N LYS B 256 20.16 -15.08 15.92
CA LYS B 256 20.92 -15.89 16.85
C LYS B 256 20.07 -16.29 18.05
N ALA B 257 19.25 -15.36 18.56
CA ALA B 257 18.37 -15.65 19.69
C ALA B 257 17.31 -16.69 19.32
N ILE B 258 16.71 -16.57 18.13
CA ILE B 258 15.75 -17.53 17.66
C ILE B 258 16.40 -18.91 17.62
N ASN B 259 17.62 -18.96 17.06
CA ASN B 259 18.36 -20.22 16.93
C ASN B 259 18.49 -20.88 18.30
N THR B 260 18.93 -20.09 19.29
CA THR B 260 19.11 -20.58 20.65
C THR B 260 17.80 -21.08 21.26
N ALA B 261 16.75 -20.26 21.11
CA ALA B 261 15.45 -20.58 21.69
C ALA B 261 14.86 -21.85 21.06
N ARG B 262 15.05 -22.01 19.73
CA ARG B 262 14.53 -23.17 19.03
CA ARG B 262 14.52 -23.16 19.04
C ARG B 262 15.21 -24.43 19.56
N LYS B 263 16.55 -24.39 19.63
CA LYS B 263 17.32 -25.56 20.05
C LYS B 263 17.00 -25.95 21.51
N GLN B 264 16.67 -24.97 22.35
CA GLN B 264 16.34 -25.23 23.73
C GLN B 264 14.88 -25.72 23.89
N GLY B 265 14.04 -25.67 22.84
CA GLY B 265 12.66 -26.11 22.90
C GLY B 265 11.72 -25.04 23.45
N ILE B 266 12.21 -23.80 23.63
CA ILE B 266 11.42 -22.70 24.19
C ILE B 266 10.31 -22.27 23.24
N ILE B 267 10.63 -22.12 21.93
CA ILE B 267 9.59 -21.67 21.01
C ILE B 267 8.47 -22.73 20.96
N SER B 268 8.83 -24.03 20.90
CA SER B 268 7.84 -25.11 20.95
C SER B 268 6.96 -25.02 22.22
N LYS B 269 7.58 -24.84 23.38
CA LYS B 269 6.83 -24.85 24.62
C LYS B 269 5.83 -23.69 24.65
N LEU B 270 6.27 -22.48 24.24
CA LEU B 270 5.39 -21.33 24.21
C LEU B 270 4.27 -21.50 23.19
N ALA B 271 4.59 -22.10 22.03
CA ALA B 271 3.56 -22.32 21.02
C ALA B 271 2.49 -23.27 21.54
N ILE B 272 2.89 -24.38 22.17
CA ILE B 272 1.90 -25.31 22.68
C ILE B 272 1.05 -24.63 23.76
N LYS B 273 1.68 -23.84 24.62
CA LYS B 273 0.93 -23.12 25.65
C LYS B 273 -0.16 -22.23 25.04
N HIS B 274 0.17 -21.48 23.99
CA HIS B 274 -0.73 -20.46 23.49
C HIS B 274 -1.70 -20.96 22.41
N PHE B 275 -1.26 -21.91 21.57
CA PHE B 275 -2.05 -22.37 20.46
C PHE B 275 -2.71 -23.72 20.73
N GLY B 276 -2.17 -24.50 21.68
CA GLY B 276 -2.69 -25.83 21.96
C GLY B 276 -2.01 -26.92 21.11
N PHE B 277 -1.13 -26.49 20.19
CA PHE B 277 -0.34 -27.37 19.35
C PHE B 277 0.97 -26.67 19.04
N ASP B 278 1.95 -27.40 18.50
CA ASP B 278 3.24 -26.78 18.21
C ASP B 278 3.23 -26.05 16.85
N ALA B 279 2.83 -24.77 16.90
CA ALA B 279 2.82 -23.88 15.74
C ALA B 279 4.21 -23.34 15.39
N SER B 280 5.23 -23.66 16.18
CA SER B 280 6.55 -23.09 15.99
C SER B 280 7.20 -23.69 14.75
N MET B 281 8.24 -22.98 14.31
CA MET B 281 9.19 -23.36 13.27
C MET B 281 10.58 -23.48 13.90
N ARG C . -1.04 12.67 -10.21
CA ARG C . -1.36 11.23 -10.25
C ARG C . -1.21 10.65 -8.82
O ARG C . -0.68 11.40 -7.95
CB ARG C . -0.47 10.51 -11.30
CG ARG C . 1.01 10.69 -11.05
CD ARG C . 1.89 9.78 -11.91
NE ARG C . 3.28 10.11 -11.72
CZ ARG C . 4.29 9.59 -12.40
NH1 ARG C . 5.52 10.01 -12.15
NH2 ARG C . 4.05 8.60 -13.26
OXT ARG C . -1.54 9.47 -8.70
N ARG D . -0.25 -13.25 8.89
CA ARG D . -1.15 -12.32 8.17
C ARG D . -0.30 -11.27 7.42
O ARG D . -0.92 -10.45 6.69
CB ARG D . -2.17 -11.74 9.16
CG ARG D . -1.52 -10.98 10.30
CD ARG D . -2.51 -10.09 11.05
NE ARG D . -1.84 -9.56 12.22
CZ ARG D . -2.45 -8.86 13.18
NH1 ARG D . -1.73 -8.49 14.22
NH2 ARG D . -3.71 -8.50 13.02
OXT ARG D . 0.91 -11.29 7.70
#